data_4GC5
#
_entry.id   4GC5
#
_cell.length_a   47.630
_cell.length_b   101.270
_cell.length_c   211.660
_cell.angle_alpha   90.00
_cell.angle_beta   90.00
_cell.angle_gamma   90.00
#
_symmetry.space_group_name_H-M   'I 2 2 2'
#
loop_
_entity.id
_entity.type
_entity.pdbx_description
1 polymer 'Dimethyladenosine transferase 1, mitochondrial'
2 non-polymer 'ACETATE ION'
3 water water
#
_entity_poly.entity_id   1
_entity_poly.type   'polypeptide(L)'
_entity_poly.pdbx_seq_one_letter_code
;(MSE)AASGKLGTFRLPPLPTIREIIKLFGLRAVKQLSQNFLLDLRLTDKIVRKAGSLADVYVYEVGPGPGGITRSILNA
NVAELLVVEKDTRFIPGLQ(MSE)LSDAAPGKLRIVHGDVLTYKIEKAFPGNIRRQWEDDPPNVHIIGNLPFSVSTPLII
KWLENISLKDGPFVYGRTK(MSE)TLTFQKEVAERLVATTGSKQHSRLSI(MSE)AQYLCNVEHLFTIPGKAFVPKPKVD
VGVVHLTPLIEPKIKQPFKLVEKVVQNAFQFRRKYCHRGLG(MSE)LFPEAQRLESTGRLLQLADIDPTLRPTHLSL
(MSE)HFKSLCDVYRK(MSE)CDEDPQLFTYNFREELKQKKSKGQEKDGDPESCGF
;
_entity_poly.pdbx_strand_id   A
#
loop_
_chem_comp.id
_chem_comp.type
_chem_comp.name
_chem_comp.formula
ACT non-polymer 'ACETATE ION' 'C2 H3 O2 -1'
#
# COMPACT_ATOMS: atom_id res chain seq x y z
N PHE A 10 -57.21 -6.87 -17.50
CA PHE A 10 -56.55 -6.40 -16.28
C PHE A 10 -56.02 -4.95 -16.42
N ARG A 11 -54.87 -4.66 -15.82
CA ARG A 11 -54.17 -3.37 -15.97
C ARG A 11 -52.77 -3.50 -15.37
N LEU A 12 -51.78 -3.69 -16.23
CA LEU A 12 -50.45 -4.05 -15.77
C LEU A 12 -49.57 -2.83 -15.90
N PRO A 13 -48.49 -2.76 -15.10
CA PRO A 13 -47.64 -1.55 -15.19
C PRO A 13 -47.07 -1.35 -16.58
N PRO A 14 -46.71 -0.11 -16.91
CA PRO A 14 -46.11 0.13 -18.22
C PRO A 14 -44.80 -0.62 -18.36
N LEU A 15 -44.35 -0.81 -19.60
CA LEU A 15 -43.02 -1.30 -19.89
C LEU A 15 -42.04 -0.26 -19.38
N PRO A 16 -40.79 -0.65 -19.09
CA PRO A 16 -39.76 0.36 -18.87
C PRO A 16 -39.45 1.09 -20.19
N THR A 17 -39.01 2.36 -20.16
CA THR A 17 -38.50 2.96 -21.38
C THR A 17 -37.08 2.46 -21.50
N ILE A 18 -36.44 2.57 -22.65
CA ILE A 18 -35.03 2.19 -22.72
C ILE A 18 -34.22 3.09 -21.81
N ARG A 19 -34.66 4.33 -21.65
CA ARG A 19 -33.92 5.22 -20.75
C ARG A 19 -33.90 4.61 -19.34
N GLU A 20 -35.03 4.05 -18.91
CA GLU A 20 -35.14 3.45 -17.57
C GLU A 20 -34.30 2.19 -17.47
N ILE A 21 -34.28 1.43 -18.56
CA ILE A 21 -33.55 0.17 -18.66
C ILE A 21 -32.05 0.43 -18.58
N ILE A 22 -31.59 1.38 -19.37
CA ILE A 22 -30.21 1.82 -19.31
C ILE A 22 -29.81 2.29 -17.91
N LYS A 23 -30.67 3.10 -17.28
CA LYS A 23 -30.43 3.63 -15.94
C LYS A 23 -30.32 2.49 -14.94
N LEU A 24 -31.19 1.50 -15.10
CA LEU A 24 -31.17 0.29 -14.28
C LEU A 24 -29.85 -0.48 -14.43
N PHE A 25 -29.51 -0.81 -15.67
CA PHE A 25 -28.27 -1.51 -15.99
C PHE A 25 -27.04 -0.70 -15.57
N GLY A 26 -27.10 0.61 -15.78
CA GLY A 26 -25.96 1.47 -15.45
C GLY A 26 -25.65 1.59 -13.96
N LEU A 27 -26.68 1.83 -13.17
CA LEU A 27 -26.54 1.96 -11.72
C LEU A 27 -26.01 0.67 -11.11
N ARG A 28 -26.62 -0.46 -11.48
CA ARG A 28 -26.09 -1.76 -11.05
C ARG A 28 -24.63 -1.98 -11.50
N ALA A 29 -24.31 -1.56 -12.73
CA ALA A 29 -22.96 -1.68 -13.27
C ALA A 29 -21.91 -0.94 -12.42
N VAL A 30 -22.33 0.19 -11.84
CA VAL A 30 -21.46 1.05 -11.05
C VAL A 30 -21.39 0.56 -9.60
N LYS A 31 -22.53 0.24 -9.01
CA LYS A 31 -22.60 -0.37 -7.67
C LYS A 31 -21.83 -1.73 -7.57
N GLN A 32 -21.31 -2.21 -8.69
CA GLN A 32 -20.28 -3.24 -8.67
C GLN A 32 -18.96 -2.47 -8.63
N LEU A 33 -18.01 -2.85 -9.48
CA LEU A 33 -16.67 -2.19 -9.59
C LEU A 33 -15.93 -1.69 -8.33
N SER A 34 -16.65 -1.35 -7.27
CA SER A 34 -16.01 -1.01 -5.98
C SER A 34 -14.97 0.12 -6.04
N GLN A 35 -15.13 1.04 -6.99
CA GLN A 35 -14.36 2.27 -6.99
C GLN A 35 -15.15 3.29 -6.20
N ASN A 36 -14.44 4.21 -5.57
CA ASN A 36 -15.08 5.31 -4.86
C ASN A 36 -14.69 6.56 -5.60
N PHE A 37 -15.53 7.01 -6.52
CA PHE A 37 -15.16 8.15 -7.36
C PHE A 37 -15.04 9.43 -6.56
N LEU A 38 -13.98 10.19 -6.84
CA LEU A 38 -13.90 11.55 -6.35
C LEU A 38 -14.32 12.47 -7.48
N LEU A 39 -15.59 12.89 -7.50
CA LEU A 39 -16.04 13.75 -8.57
C LEU A 39 -15.90 15.24 -8.22
N ASP A 40 -15.16 15.57 -7.19
CA ASP A 40 -15.08 16.96 -6.74
C ASP A 40 -13.68 17.51 -6.97
N LEU A 41 -13.50 18.36 -7.98
CA LEU A 41 -12.14 18.82 -8.24
C LEU A 41 -11.52 19.59 -7.09
N ARG A 42 -12.35 20.14 -6.21
CA ARG A 42 -11.82 20.81 -5.00
C ARG A 42 -11.08 19.83 -4.10
N LEU A 43 -11.60 18.62 -3.95
CA LEU A 43 -10.92 17.62 -3.12
C LEU A 43 -9.74 17.00 -3.84
N THR A 44 -9.86 16.76 -5.15
CA THR A 44 -8.76 16.14 -5.87
C THR A 44 -7.61 17.15 -5.92
N ASP A 45 -7.96 18.44 -5.95
CA ASP A 45 -6.97 19.52 -5.93
C ASP A 45 -6.20 19.49 -4.63
N LYS A 46 -6.94 19.26 -3.54
CA LYS A 46 -6.37 19.14 -2.21
C LYS A 46 -5.43 17.95 -2.07
N ILE A 47 -5.87 16.75 -2.50
CA ILE A 47 -4.97 15.61 -2.54
C ILE A 47 -3.66 15.97 -3.24
N VAL A 48 -3.75 16.59 -4.43
CA VAL A 48 -2.53 16.90 -5.20
C VAL A 48 -1.65 17.95 -4.52
N ARG A 49 -2.30 18.99 -3.97
CA ARG A 49 -1.63 20.01 -3.19
CA ARG A 49 -1.62 20.00 -3.18
C ARG A 49 -0.86 19.38 -2.01
N LYS A 50 -1.51 18.51 -1.25
CA LYS A 50 -0.87 17.87 -0.09
C LYS A 50 0.27 16.93 -0.47
N ALA A 51 0.24 16.38 -1.69
CA ALA A 51 1.28 15.43 -2.12
C ALA A 51 2.63 16.13 -2.20
N GLY A 52 2.58 17.44 -2.35
CA GLY A 52 3.78 18.23 -2.51
C GLY A 52 3.85 18.73 -3.94
N SER A 53 4.93 19.43 -4.26
CA SER A 53 5.13 19.95 -5.60
C SER A 53 5.31 18.83 -6.62
N LEU A 54 4.56 18.95 -7.72
CA LEU A 54 4.69 18.01 -8.82
C LEU A 54 5.32 18.73 -9.99
N ALA A 55 5.91 19.90 -9.70
CA ALA A 55 6.51 20.71 -10.75
C ALA A 55 7.68 19.95 -11.37
N ASP A 56 7.58 19.70 -12.67
CA ASP A 56 8.59 18.96 -13.42
C ASP A 56 8.77 17.53 -12.91
N VAL A 57 7.77 17.02 -12.21
CA VAL A 57 7.81 15.64 -11.77
C VAL A 57 7.17 14.73 -12.81
N TYR A 58 7.74 13.54 -12.96
CA TYR A 58 7.15 12.51 -13.78
C TYR A 58 6.17 11.74 -12.90
N VAL A 59 4.88 11.90 -13.16
CA VAL A 59 3.89 11.31 -12.26
C VAL A 59 3.31 10.00 -12.78
N TYR A 60 3.16 9.02 -11.89
CA TYR A 60 2.47 7.78 -12.23
C TYR A 60 1.18 7.69 -11.42
N GLU A 61 0.05 7.83 -12.10
CA GLU A 61 -1.24 7.71 -11.41
C GLU A 61 -1.89 6.35 -11.67
N VAL A 62 -2.35 5.73 -10.59
CA VAL A 62 -2.85 4.36 -10.63
C VAL A 62 -4.37 4.42 -10.60
N GLY A 63 -5.02 3.77 -11.55
CA GLY A 63 -6.47 3.71 -11.57
C GLY A 63 -7.16 5.07 -11.53
N PRO A 64 -6.98 5.87 -12.59
CA PRO A 64 -7.54 7.23 -12.58
C PRO A 64 -9.06 7.30 -12.68
N GLY A 65 -9.68 6.27 -13.26
CA GLY A 65 -11.13 6.26 -13.37
C GLY A 65 -11.63 7.44 -14.17
N PRO A 66 -12.62 8.16 -13.61
CA PRO A 66 -13.21 9.30 -14.34
C PRO A 66 -12.20 10.44 -14.52
N GLY A 67 -11.06 10.35 -13.85
CA GLY A 67 -10.01 11.34 -13.99
C GLY A 67 -10.10 12.63 -13.19
N GLY A 68 -10.61 12.60 -11.97
CA GLY A 68 -10.62 13.81 -11.16
C GLY A 68 -9.20 14.13 -10.70
N ILE A 69 -8.52 13.12 -10.15
CA ILE A 69 -7.15 13.28 -9.73
C ILE A 69 -6.28 13.59 -10.96
N THR A 70 -6.63 12.98 -12.09
CA THR A 70 -5.86 13.16 -13.31
C THR A 70 -5.87 14.64 -13.72
N ARG A 71 -7.05 15.25 -13.69
CA ARG A 71 -7.16 16.66 -14.04
C ARG A 71 -6.36 17.54 -13.05
N SER A 72 -6.43 17.21 -11.77
CA SER A 72 -5.69 18.00 -10.79
C SER A 72 -4.16 17.90 -10.99
N ILE A 73 -3.66 16.71 -11.30
CA ILE A 73 -2.24 16.52 -11.67
C ILE A 73 -1.82 17.32 -12.89
N LEU A 74 -2.60 17.21 -13.97
CA LEU A 74 -2.30 17.92 -15.21
C LEU A 74 -2.19 19.41 -15.00
N ASN A 75 -2.88 19.93 -13.99
CA ASN A 75 -2.83 21.37 -13.68
C ASN A 75 -1.68 21.80 -12.77
N ALA A 76 -0.73 20.89 -12.53
CA ALA A 76 0.32 21.13 -11.54
C ALA A 76 1.75 21.22 -12.09
N ASN A 77 1.87 21.64 -13.35
CA ASN A 77 3.17 21.89 -14.00
C ASN A 77 4.01 20.64 -14.10
N VAL A 78 3.33 19.51 -14.11
CA VAL A 78 3.91 18.19 -14.21
C VAL A 78 4.78 18.06 -15.48
N ALA A 79 5.93 17.41 -15.38
CA ALA A 79 6.73 17.12 -16.58
C ALA A 79 5.99 16.19 -17.54
N GLU A 80 5.35 15.16 -16.99
CA GLU A 80 4.66 14.14 -17.77
C GLU A 80 3.76 13.37 -16.82
N LEU A 81 2.65 12.81 -17.29
CA LEU A 81 1.80 11.96 -16.45
C LEU A 81 1.45 10.67 -17.17
N LEU A 82 1.69 9.52 -16.51
CA LEU A 82 1.37 8.21 -17.06
C LEU A 82 0.30 7.59 -16.18
N VAL A 83 -0.79 7.17 -16.79
CA VAL A 83 -1.85 6.53 -16.01
C VAL A 83 -2.12 5.07 -16.46
N VAL A 84 -2.37 4.20 -15.50
CA VAL A 84 -2.73 2.85 -15.86
C VAL A 84 -4.17 2.59 -15.40
N GLU A 85 -5.02 2.19 -16.34
CA GLU A 85 -6.43 2.03 -16.01
C GLU A 85 -6.92 0.66 -16.44
N LYS A 86 -7.53 -0.06 -15.50
CA LYS A 86 -7.99 -1.42 -15.75
C LYS A 86 -9.27 -1.48 -16.56
N ASP A 87 -10.21 -0.58 -16.30
CA ASP A 87 -11.54 -0.62 -16.93
C ASP A 87 -11.62 0.19 -18.25
N THR A 88 -11.84 -0.48 -19.38
CA THR A 88 -11.86 0.25 -20.66
C THR A 88 -12.92 1.33 -20.70
N ARG A 89 -13.94 1.20 -19.86
CA ARG A 89 -15.07 2.12 -19.94
C ARG A 89 -14.61 3.55 -19.68
N PHE A 90 -13.56 3.71 -18.89
CA PHE A 90 -13.04 5.04 -18.56
C PHE A 90 -12.00 5.56 -19.54
N ILE A 91 -11.54 4.69 -20.42
CA ILE A 91 -10.43 5.03 -21.31
C ILE A 91 -10.78 6.12 -22.34
N PRO A 92 -11.99 6.08 -22.94
CA PRO A 92 -12.14 7.16 -23.91
C PRO A 92 -12.24 8.55 -23.26
N GLY A 93 -12.73 8.62 -22.02
CA GLY A 93 -12.76 9.87 -21.29
C GLY A 93 -11.34 10.34 -20.99
N LEU A 94 -10.45 9.41 -20.70
CA LEU A 94 -9.05 9.77 -20.44
C LEU A 94 -8.40 10.27 -21.71
N GLN A 95 -8.77 9.65 -22.85
CA GLN A 95 -8.29 10.06 -24.17
C GLN A 95 -8.62 11.50 -24.48
N MSE A 96 -9.87 11.84 -24.24
CA MSE A 96 -10.37 13.21 -24.39
CA MSE A 96 -10.35 13.21 -24.41
C MSE A 96 -9.49 14.17 -23.58
O MSE A 96 -9.15 15.26 -24.03
CB MSE A 96 -11.82 13.24 -23.88
CB MSE A 96 -11.82 13.32 -23.99
CG MSE A 96 -12.42 14.62 -23.62
CG MSE A 96 -12.72 14.07 -24.97
SE MSE A 96 -14.21 14.40 -22.83
SE MSE A 96 -12.72 13.29 -26.75
CE MSE A 96 -14.91 13.00 -24.01
CE MSE A 96 -11.45 14.49 -27.62
N LEU A 97 -9.15 13.73 -22.38
CA LEU A 97 -8.34 14.52 -21.48
C LEU A 97 -6.94 14.75 -22.07
N SER A 98 -6.31 13.69 -22.55
CA SER A 98 -5.02 13.77 -23.23
C SER A 98 -5.08 14.77 -24.41
N ASP A 99 -6.15 14.73 -25.20
CA ASP A 99 -6.29 15.67 -26.32
C ASP A 99 -6.33 17.13 -25.85
N ALA A 100 -6.83 17.36 -24.65
CA ALA A 100 -6.89 18.72 -24.10
C ALA A 100 -5.54 19.21 -23.55
N ALA A 101 -4.61 18.29 -23.28
CA ALA A 101 -3.28 18.63 -22.78
C ALA A 101 -2.20 17.84 -23.54
N PRO A 102 -1.92 18.22 -24.80
CA PRO A 102 -1.12 17.34 -25.66
C PRO A 102 0.32 17.23 -25.19
N GLY A 103 0.86 16.02 -25.28
CA GLY A 103 2.24 15.77 -24.89
C GLY A 103 2.33 15.47 -23.42
N LYS A 104 1.25 15.72 -22.68
CA LYS A 104 1.29 15.62 -21.21
C LYS A 104 0.80 14.29 -20.62
N LEU A 105 -0.05 13.57 -21.33
CA LEU A 105 -0.71 12.44 -20.70
C LEU A 105 -0.55 11.16 -21.51
N ARG A 106 -0.03 10.12 -20.87
CA ARG A 106 0.07 8.79 -21.47
C ARG A 106 -0.87 7.85 -20.73
N ILE A 107 -1.69 7.15 -21.49
CA ILE A 107 -2.72 6.26 -20.96
C ILE A 107 -2.39 4.78 -21.28
N VAL A 108 -2.42 3.92 -20.27
CA VAL A 108 -2.22 2.48 -20.49
C VAL A 108 -3.43 1.72 -20.00
N HIS A 109 -4.00 0.87 -20.86
CA HIS A 109 -4.99 -0.08 -20.39
C HIS A 109 -4.34 -1.28 -19.71
N GLY A 110 -4.15 -1.23 -18.40
CA GLY A 110 -3.62 -2.39 -17.72
C GLY A 110 -3.98 -2.47 -16.27
N ASP A 111 -3.30 -3.40 -15.59
CA ASP A 111 -3.51 -3.69 -14.19
C ASP A 111 -2.33 -3.13 -13.38
N VAL A 112 -2.63 -2.26 -12.43
CA VAL A 112 -1.58 -1.60 -11.65
C VAL A 112 -0.81 -2.61 -10.79
N LEU A 113 -1.36 -3.80 -10.61
CA LEU A 113 -0.70 -4.80 -9.77
C LEU A 113 0.43 -5.47 -10.49
N THR A 114 0.37 -5.49 -11.82
CA THR A 114 1.45 -6.10 -12.57
C THR A 114 2.22 -5.15 -13.49
N TYR A 115 1.64 -4.01 -13.84
CA TYR A 115 2.28 -3.13 -14.79
C TYR A 115 3.64 -2.63 -14.29
N LYS A 116 4.67 -2.80 -15.09
CA LYS A 116 6.00 -2.36 -14.65
C LYS A 116 6.30 -0.98 -15.20
N ILE A 117 6.71 -0.07 -14.33
CA ILE A 117 7.05 1.29 -14.76
C ILE A 117 8.54 1.59 -14.74
N GLU A 118 9.37 0.55 -14.56
CA GLU A 118 10.83 0.66 -14.55
C GLU A 118 11.41 1.36 -15.77
N LYS A 119 10.76 1.21 -16.92
CA LYS A 119 11.20 1.85 -18.16
C LYS A 119 10.26 2.94 -18.65
N ALA A 120 9.29 3.30 -17.81
CA ALA A 120 8.29 4.27 -18.24
C ALA A 120 8.86 5.69 -18.38
N PHE A 121 9.85 6.05 -17.55
CA PHE A 121 10.41 7.39 -17.61
C PHE A 121 11.91 7.33 -17.93
N PRO A 122 12.51 8.45 -18.38
CA PRO A 122 13.92 8.38 -18.82
C PRO A 122 14.90 7.98 -17.72
N GLY A 123 15.89 7.18 -18.08
CA GLY A 123 16.89 6.69 -17.16
C GLY A 123 17.68 7.78 -16.48
N ASN A 124 17.82 8.91 -17.16
CA ASN A 124 18.56 10.02 -16.58
C ASN A 124 17.89 10.66 -15.36
N ILE A 125 16.63 10.34 -15.14
CA ILE A 125 15.93 10.92 -13.98
C ILE A 125 16.11 10.05 -12.74
N ARG A 126 16.75 8.89 -12.92
CA ARG A 126 17.09 8.03 -11.78
C ARG A 126 18.09 8.71 -10.85
N ARG A 127 17.97 8.41 -9.56
CA ARG A 127 18.79 9.02 -8.52
C ARG A 127 19.29 7.92 -7.63
N GLN A 128 20.45 8.13 -7.02
CA GLN A 128 20.93 7.20 -6.02
C GLN A 128 19.99 7.09 -4.86
N TRP A 129 20.03 5.94 -4.19
CA TRP A 129 19.20 5.70 -3.02
C TRP A 129 19.38 6.74 -1.94
N GLU A 130 20.62 7.12 -1.70
CA GLU A 130 20.92 8.06 -0.62
C GLU A 130 20.73 9.53 -1.03
N ASP A 131 20.49 9.79 -2.31
CA ASP A 131 20.28 11.16 -2.78
C ASP A 131 18.86 11.55 -2.35
N ASP A 132 18.45 12.78 -2.65
CA ASP A 132 17.06 13.19 -2.44
C ASP A 132 16.16 12.32 -3.30
N PRO A 133 14.86 12.28 -2.98
CA PRO A 133 13.99 11.48 -3.85
C PRO A 133 13.90 12.04 -5.28
N PRO A 134 13.65 11.17 -6.27
CA PRO A 134 13.71 11.58 -7.67
C PRO A 134 12.46 12.30 -8.10
N ASN A 135 12.50 12.96 -9.26
CA ASN A 135 11.31 13.59 -9.85
C ASN A 135 10.30 12.62 -10.44
N VAL A 136 9.98 11.61 -9.63
CA VAL A 136 8.97 10.63 -9.91
C VAL A 136 8.08 10.58 -8.66
N HIS A 137 6.77 10.64 -8.85
CA HIS A 137 5.84 10.59 -7.74
C HIS A 137 4.68 9.69 -8.17
N ILE A 138 4.24 8.80 -7.27
CA ILE A 138 3.13 7.89 -7.59
C ILE A 138 1.93 8.36 -6.80
N ILE A 139 0.81 8.59 -7.46
CA ILE A 139 -0.38 9.12 -6.81
C ILE A 139 -1.58 8.25 -7.23
N GLY A 140 -2.54 8.01 -6.34
CA GLY A 140 -3.66 7.18 -6.74
C GLY A 140 -4.81 7.07 -5.75
N ASN A 141 -6.04 7.11 -6.27
CA ASN A 141 -7.19 6.82 -5.44
C ASN A 141 -7.78 5.54 -5.98
N LEU A 142 -7.47 4.44 -5.30
CA LEU A 142 -7.80 3.09 -5.75
C LEU A 142 -8.83 2.40 -4.89
N PRO A 143 -9.52 1.42 -5.48
CA PRO A 143 -10.41 0.57 -4.70
C PRO A 143 -9.64 -0.04 -3.54
N PHE A 144 -10.33 -0.23 -2.42
CA PHE A 144 -9.69 -0.72 -1.20
C PHE A 144 -9.09 -2.09 -1.45
N SER A 145 -9.79 -2.90 -2.24
CA SER A 145 -9.26 -4.23 -2.55
C SER A 145 -8.00 -4.21 -3.42
N VAL A 146 -7.71 -3.08 -4.06
CA VAL A 146 -6.50 -2.98 -4.86
C VAL A 146 -5.37 -2.32 -4.08
N SER A 147 -5.68 -1.28 -3.33
CA SER A 147 -4.63 -0.51 -2.69
C SER A 147 -3.89 -1.30 -1.58
N THR A 148 -4.54 -2.28 -0.97
CA THR A 148 -3.81 -3.05 0.08
C THR A 148 -2.71 -3.96 -0.47
N PRO A 149 -3.04 -4.85 -1.43
CA PRO A 149 -1.96 -5.64 -2.05
C PRO A 149 -0.95 -4.79 -2.79
N LEU A 150 -1.39 -3.65 -3.35
CA LEU A 150 -0.50 -2.78 -4.08
C LEU A 150 0.60 -2.22 -3.17
N ILE A 151 0.22 -1.71 -2.00
CA ILE A 151 1.23 -1.15 -1.08
C ILE A 151 2.16 -2.26 -0.58
N ILE A 152 1.61 -3.47 -0.41
CA ILE A 152 2.45 -4.60 -0.01
C ILE A 152 3.48 -5.03 -1.08
N LYS A 153 3.08 -5.00 -2.34
CA LYS A 153 4.00 -5.25 -3.45
C LYS A 153 5.05 -4.15 -3.42
N TRP A 154 4.59 -2.92 -3.27
CA TRP A 154 5.51 -1.81 -3.35
C TRP A 154 6.48 -1.81 -2.20
N LEU A 155 6.02 -2.26 -1.03
CA LEU A 155 6.93 -2.27 0.13
C LEU A 155 8.04 -3.29 -0.16
N GLU A 156 7.67 -4.41 -0.76
CA GLU A 156 8.70 -5.38 -1.11
C GLU A 156 9.62 -4.78 -2.20
N ASN A 157 9.05 -4.00 -3.14
CA ASN A 157 9.91 -3.36 -4.12
C ASN A 157 10.88 -2.39 -3.47
N ILE A 158 10.43 -1.66 -2.47
CA ILE A 158 11.31 -0.76 -1.76
C ILE A 158 12.42 -1.55 -1.11
N SER A 159 12.06 -2.67 -0.49
CA SER A 159 13.07 -3.53 0.15
C SER A 159 14.15 -3.96 -0.85
N LEU A 160 13.74 -4.33 -2.06
CA LEU A 160 14.64 -4.78 -3.12
C LEU A 160 15.27 -3.62 -3.89
N LYS A 161 14.72 -2.42 -3.68
CA LYS A 161 15.12 -1.23 -4.45
C LYS A 161 14.94 -1.46 -5.99
N ASP A 162 13.81 -2.07 -6.35
CA ASP A 162 13.44 -2.28 -7.76
C ASP A 162 12.02 -1.75 -8.04
N GLY A 163 11.41 -2.13 -9.16
CA GLY A 163 10.07 -1.64 -9.47
C GLY A 163 10.09 -0.14 -9.62
N PRO A 164 9.09 0.56 -9.05
CA PRO A 164 9.08 2.02 -9.06
C PRO A 164 10.31 2.59 -8.37
N PHE A 165 11.04 1.75 -7.66
CA PHE A 165 12.21 2.23 -6.89
C PHE A 165 13.54 2.05 -7.60
N VAL A 166 13.52 1.62 -8.86
CA VAL A 166 14.71 1.77 -9.68
C VAL A 166 15.02 3.26 -9.94
N TYR A 167 14.06 4.16 -9.72
CA TYR A 167 14.34 5.59 -9.90
C TYR A 167 15.00 6.19 -8.66
N GLY A 168 15.01 5.44 -7.55
CA GLY A 168 15.46 5.98 -6.29
C GLY A 168 14.35 5.96 -5.24
N ARG A 169 14.35 6.91 -4.31
CA ARG A 169 13.38 6.84 -3.23
C ARG A 169 12.07 7.51 -3.60
N THR A 170 11.38 6.93 -4.58
CA THR A 170 10.22 7.61 -5.13
C THR A 170 9.05 7.72 -4.17
N LYS A 171 8.33 8.84 -4.26
CA LYS A 171 7.32 9.18 -3.30
C LYS A 171 5.97 8.61 -3.70
N MSE A 172 5.16 8.30 -2.71
CA MSE A 172 3.79 7.83 -2.96
C MSE A 172 2.80 8.68 -2.17
O MSE A 172 3.09 9.05 -1.03
CB MSE A 172 3.65 6.38 -2.53
CG MSE A 172 4.48 5.37 -3.34
SE MSE A 172 5.01 3.88 -2.19
CE MSE A 172 6.58 4.77 -1.37
N THR A 173 1.69 9.04 -2.78
CA THR A 173 0.57 9.67 -2.08
C THR A 173 -0.67 8.89 -2.51
N LEU A 174 -1.33 8.24 -1.55
CA LEU A 174 -2.29 7.21 -1.87
C LEU A 174 -3.44 7.28 -0.91
N THR A 175 -4.64 6.92 -1.38
CA THR A 175 -5.78 6.80 -0.48
C THR A 175 -5.98 5.34 -0.05
N PHE A 176 -6.43 5.17 1.19
CA PHE A 176 -6.79 3.88 1.80
C PHE A 176 -8.02 4.10 2.67
N GLN A 177 -8.71 3.03 3.04
CA GLN A 177 -9.74 3.16 4.08
C GLN A 177 -9.09 3.76 5.31
N LYS A 178 -9.87 4.52 6.08
CA LYS A 178 -9.40 5.24 7.26
C LYS A 178 -8.59 4.28 8.13
N GLU A 179 -9.12 3.07 8.31
CA GLU A 179 -8.55 2.15 9.26
C GLU A 179 -7.19 1.63 8.77
N VAL A 180 -7.06 1.35 7.47
CA VAL A 180 -5.77 0.97 6.89
C VAL A 180 -4.79 2.12 6.97
N ALA A 181 -5.29 3.35 6.77
CA ALA A 181 -4.45 4.54 6.92
C ALA A 181 -3.97 4.60 8.34
N GLU A 182 -4.87 4.36 9.29
CA GLU A 182 -4.52 4.42 10.70
C GLU A 182 -3.49 3.36 11.11
N ARG A 183 -3.61 2.17 10.54
CA ARG A 183 -2.62 1.09 10.81
C ARG A 183 -1.24 1.48 10.26
N LEU A 184 -1.21 2.13 9.10
CA LEU A 184 0.06 2.43 8.46
C LEU A 184 0.89 3.39 9.28
N VAL A 185 0.26 4.32 10.00
CA VAL A 185 1.02 5.32 10.82
C VAL A 185 0.97 5.10 12.31
N ALA A 186 0.30 4.02 12.72
CA ALA A 186 0.14 3.74 14.14
C ALA A 186 1.49 3.53 14.83
N THR A 187 1.62 3.96 16.06
CA THR A 187 2.88 3.73 16.76
C THR A 187 2.64 2.77 17.90
N THR A 188 3.72 2.40 18.59
CA THR A 188 3.65 1.35 19.61
C THR A 188 2.64 1.63 20.70
N GLY A 189 1.89 0.61 21.09
CA GLY A 189 0.95 0.75 22.19
C GLY A 189 -0.49 1.03 21.77
N SER A 190 -0.66 1.50 20.52
CA SER A 190 -1.97 1.77 19.93
C SER A 190 -2.67 0.48 19.48
N LYS A 191 -4.00 0.47 19.55
CA LYS A 191 -4.80 -0.72 19.17
C LYS A 191 -4.64 -1.01 17.67
N GLN A 192 -4.16 0.00 16.96
CA GLN A 192 -3.98 -0.09 15.51
CA GLN A 192 -3.97 -0.08 15.50
C GLN A 192 -2.54 -0.43 15.11
N HIS A 193 -1.62 -0.46 16.07
CA HIS A 193 -0.25 -0.83 15.75
C HIS A 193 -0.25 -2.29 15.42
N SER A 194 0.06 -2.62 14.18
CA SER A 194 -0.08 -3.98 13.74
C SER A 194 0.89 -4.31 12.62
N ARG A 195 0.62 -5.42 11.95
CA ARG A 195 1.45 -5.94 10.87
C ARG A 195 1.78 -4.85 9.85
N LEU A 196 0.78 -4.12 9.36
CA LEU A 196 1.07 -3.09 8.37
C LEU A 196 1.89 -1.89 8.93
N SER A 197 1.72 -1.57 10.21
CA SER A 197 2.52 -0.51 10.82
C SER A 197 4.01 -0.76 10.66
N ILE A 198 4.47 -1.95 11.09
CA ILE A 198 5.87 -2.34 10.93
C ILE A 198 6.28 -2.46 9.48
N MSE A 199 5.45 -3.13 8.66
CA MSE A 199 5.88 -3.31 7.26
C MSE A 199 6.16 -1.99 6.56
O MSE A 199 7.15 -1.86 5.84
CB MSE A 199 4.96 -4.20 6.41
CG MSE A 199 4.71 -5.61 7.05
SE MSE A 199 6.27 -6.63 7.44
CE MSE A 199 6.96 -6.76 5.66
N ALA A 200 5.33 -0.97 6.78
CA ALA A 200 5.54 0.28 6.07
C ALA A 200 6.62 1.13 6.75
N GLN A 201 6.61 1.14 8.07
CA GLN A 201 7.46 2.04 8.83
C GLN A 201 8.93 1.61 8.91
N TYR A 202 9.21 0.33 8.74
CA TYR A 202 10.60 -0.11 8.70
C TYR A 202 11.29 0.29 7.38
N LEU A 203 10.46 0.53 6.35
CA LEU A 203 10.96 0.82 5.00
C LEU A 203 10.70 2.26 4.55
N CYS A 204 9.70 2.91 5.16
CA CYS A 204 9.30 4.27 4.70
C CYS A 204 9.10 5.20 5.88
N ASN A 205 9.24 6.50 5.64
CA ASN A 205 8.60 7.50 6.48
C ASN A 205 7.15 7.64 6.02
N VAL A 206 6.21 7.54 6.95
CA VAL A 206 4.79 7.45 6.57
C VAL A 206 4.03 8.58 7.29
N GLU A 207 3.21 9.34 6.56
CA GLU A 207 2.42 10.41 7.17
C GLU A 207 0.98 10.37 6.70
N HIS A 208 0.04 10.48 7.64
CA HIS A 208 -1.36 10.50 7.29
C HIS A 208 -1.66 11.97 7.03
N LEU A 209 -1.84 12.36 5.77
CA LEU A 209 -2.03 13.75 5.40
C LEU A 209 -3.36 14.31 5.86
N PHE A 210 -4.44 13.60 5.55
CA PHE A 210 -5.78 13.99 6.04
C PHE A 210 -6.84 12.91 5.77
N THR A 211 -8.04 13.09 6.29
CA THR A 211 -9.10 12.10 6.05
C THR A 211 -10.26 12.71 5.27
N ILE A 212 -10.82 11.98 4.32
CA ILE A 212 -11.94 12.48 3.55
C ILE A 212 -13.14 11.67 3.96
N PRO A 213 -14.25 12.34 4.27
CA PRO A 213 -15.48 11.63 4.67
C PRO A 213 -16.01 10.80 3.52
N GLY A 214 -16.55 9.63 3.84
CA GLY A 214 -17.13 8.76 2.82
C GLY A 214 -18.15 9.49 1.98
N LYS A 215 -18.89 10.41 2.60
CA LYS A 215 -19.97 11.14 1.94
C LYS A 215 -19.47 11.83 0.68
N ALA A 216 -18.17 12.08 0.63
CA ALA A 216 -17.58 12.86 -0.48
C ALA A 216 -17.41 12.03 -1.76
N PHE A 217 -17.51 10.71 -1.62
CA PHE A 217 -17.28 9.82 -2.75
C PHE A 217 -18.59 9.34 -3.30
N VAL A 218 -18.57 8.92 -4.56
CA VAL A 218 -19.70 8.29 -5.22
C VAL A 218 -19.21 7.00 -5.84
N PRO A 219 -19.86 5.87 -5.52
CA PRO A 219 -20.89 5.71 -4.48
C PRO A 219 -20.29 5.98 -3.09
N LYS A 220 -21.15 6.20 -2.10
CA LYS A 220 -20.67 6.42 -0.74
C LYS A 220 -20.26 5.09 -0.16
N PRO A 221 -18.97 4.95 0.18
CA PRO A 221 -18.50 3.76 0.89
C PRO A 221 -19.01 3.86 2.31
N LYS A 222 -18.84 2.80 3.09
CA LYS A 222 -19.35 2.76 4.46
C LYS A 222 -18.30 3.25 5.46
N VAL A 223 -17.11 3.60 4.94
CA VAL A 223 -16.05 4.12 5.80
C VAL A 223 -15.48 5.44 5.27
N ASP A 224 -14.63 6.08 6.07
CA ASP A 224 -13.95 7.28 5.60
C ASP A 224 -12.69 6.86 4.85
N VAL A 225 -12.03 7.81 4.21
CA VAL A 225 -10.87 7.52 3.38
C VAL A 225 -9.62 8.33 3.84
N GLY A 226 -8.53 7.62 4.12
CA GLY A 226 -7.33 8.27 4.57
C GLY A 226 -6.38 8.57 3.42
N VAL A 227 -5.80 9.76 3.41
CA VAL A 227 -4.79 10.08 2.41
C VAL A 227 -3.42 9.98 3.06
N VAL A 228 -2.58 9.07 2.55
CA VAL A 228 -1.30 8.78 3.17
C VAL A 228 -0.13 9.03 2.22
N HIS A 229 0.93 9.67 2.73
CA HIS A 229 2.16 9.94 1.98
C HIS A 229 3.31 9.07 2.51
N LEU A 230 4.01 8.42 1.59
CA LEU A 230 5.12 7.55 1.93
C LEU A 230 6.35 7.93 1.13
N THR A 231 7.47 8.06 1.83
CA THR A 231 8.77 8.23 1.20
C THR A 231 9.73 7.16 1.73
N PRO A 232 10.30 6.34 0.83
CA PRO A 232 11.24 5.29 1.24
C PRO A 232 12.36 5.86 2.07
N LEU A 233 12.80 5.11 3.08
CA LEU A 233 13.88 5.55 3.94
C LEU A 233 15.25 5.39 3.29
N ILE A 234 16.16 6.31 3.54
CA ILE A 234 17.52 6.05 3.09
C ILE A 234 18.08 4.80 3.73
N GLU A 235 18.01 4.72 5.06
CA GLU A 235 18.48 3.54 5.79
CA GLU A 235 18.46 3.54 5.78
C GLU A 235 17.29 2.78 6.40
N PRO A 236 16.89 1.65 5.79
CA PRO A 236 15.72 0.92 6.37
C PRO A 236 16.03 0.42 7.78
N LYS A 237 15.00 0.30 8.63
CA LYS A 237 15.21 -0.02 10.04
C LYS A 237 15.51 -1.51 10.28
N ILE A 238 15.36 -2.34 9.25
CA ILE A 238 15.68 -3.75 9.43
C ILE A 238 16.32 -4.18 8.13
N LYS A 239 17.43 -4.89 8.19
CA LYS A 239 18.10 -5.29 6.96
C LYS A 239 18.12 -6.80 6.83
N GLN A 240 16.98 -7.36 6.41
CA GLN A 240 16.80 -8.79 6.26
C GLN A 240 15.82 -8.91 5.08
N PRO A 241 15.81 -10.02 4.37
CA PRO A 241 14.84 -10.13 3.27
C PRO A 241 13.40 -9.80 3.66
N PHE A 242 12.71 -9.06 2.78
CA PHE A 242 11.30 -8.77 3.00
C PHE A 242 10.47 -9.94 3.49
N LYS A 243 10.60 -11.11 2.86
CA LYS A 243 9.78 -12.26 3.24
C LYS A 243 10.10 -12.75 4.65
N LEU A 244 11.34 -12.54 5.12
CA LEU A 244 11.68 -12.93 6.48
C LEU A 244 10.97 -12.01 7.46
N VAL A 245 11.13 -10.70 7.23
CA VAL A 245 10.50 -9.71 8.10
C VAL A 245 8.97 -9.94 8.12
N GLU A 246 8.41 -10.12 6.95
CA GLU A 246 6.96 -10.32 6.85
C GLU A 246 6.54 -11.53 7.71
N LYS A 247 7.32 -12.60 7.68
CA LYS A 247 6.94 -13.81 8.43
C LYS A 247 7.04 -13.59 9.94
N VAL A 248 8.12 -12.98 10.42
CA VAL A 248 8.19 -12.70 11.82
C VAL A 248 7.07 -11.78 12.31
N VAL A 249 6.85 -10.71 11.56
CA VAL A 249 5.84 -9.72 11.93
C VAL A 249 4.46 -10.37 11.91
N GLN A 250 4.20 -11.19 10.89
CA GLN A 250 2.86 -11.79 10.81
C GLN A 250 2.65 -12.74 12.01
N ASN A 251 3.69 -13.48 12.40
CA ASN A 251 3.58 -14.36 13.53
C ASN A 251 3.50 -13.62 14.85
N ALA A 252 4.19 -12.52 14.94
CA ALA A 252 4.19 -11.77 16.17
C ALA A 252 2.78 -11.26 16.50
N PHE A 253 2.06 -10.86 15.45
CA PHE A 253 0.76 -10.18 15.61
C PHE A 253 -0.46 -11.08 15.55
N GLN A 254 -0.32 -12.39 15.33
CA GLN A 254 -1.53 -13.18 15.13
C GLN A 254 -2.44 -13.32 16.36
N PHE A 255 -1.89 -13.23 17.58
CA PHE A 255 -2.73 -13.29 18.77
C PHE A 255 -2.60 -12.01 19.58
N ARG A 256 -3.46 -11.04 19.29
CA ARG A 256 -3.27 -9.69 19.83
C ARG A 256 -3.39 -9.51 21.35
N ARG A 257 -4.17 -10.35 22.03
CA ARG A 257 -4.33 -10.13 23.45
C ARG A 257 -3.46 -11.08 24.30
N LYS A 258 -2.52 -11.79 23.68
CA LYS A 258 -1.66 -12.71 24.40
C LYS A 258 -0.23 -12.20 24.42
N TYR A 259 0.57 -12.70 25.36
CA TYR A 259 2.01 -12.44 25.36
C TYR A 259 2.58 -12.70 23.97
N CYS A 260 3.51 -11.89 23.51
CA CYS A 260 4.04 -12.10 22.18
C CYS A 260 4.74 -13.48 22.00
N HIS A 261 5.15 -14.13 23.10
CA HIS A 261 5.77 -15.45 23.10
C HIS A 261 4.83 -16.40 22.36
N ARG A 262 3.53 -16.17 22.52
CA ARG A 262 2.58 -17.12 21.96
C ARG A 262 2.66 -17.05 20.43
N GLY A 263 2.73 -15.84 19.87
CA GLY A 263 2.70 -15.67 18.42
C GLY A 263 4.02 -16.07 17.80
N LEU A 264 5.09 -15.61 18.43
CA LEU A 264 6.40 -15.84 17.87
C LEU A 264 6.76 -17.33 17.97
N GLY A 265 6.17 -18.03 18.94
CA GLY A 265 6.45 -19.44 19.09
C GLY A 265 6.04 -20.23 17.87
N MSE A 266 5.08 -19.68 17.09
CA MSE A 266 4.53 -20.39 15.94
C MSE A 266 5.58 -20.41 14.81
O MSE A 266 5.39 -21.07 13.80
CB MSE A 266 3.24 -19.74 15.44
CG MSE A 266 2.09 -19.74 16.43
SE MSE A 266 1.81 -21.55 17.16
CE MSE A 266 2.35 -21.21 18.96
N LEU A 267 6.67 -19.69 14.98
CA LEU A 267 7.78 -19.84 14.04
C LEU A 267 8.49 -21.23 14.17
N PHE A 268 8.26 -22.00 15.23
CA PHE A 268 9.10 -23.17 15.50
C PHE A 268 8.27 -24.45 15.62
N PRO A 269 8.81 -25.56 15.12
CA PRO A 269 8.09 -26.83 15.28
C PRO A 269 7.82 -27.07 16.75
N GLU A 270 6.74 -27.78 17.05
CA GLU A 270 6.41 -28.04 18.44
C GLU A 270 7.53 -28.65 19.25
N ALA A 271 8.34 -29.52 18.62
CA ALA A 271 9.31 -30.27 19.38
C ALA A 271 10.42 -29.39 19.92
N GLN A 272 10.64 -28.24 19.30
CA GLN A 272 11.67 -27.36 19.82
C GLN A 272 11.08 -26.03 20.30
N ARG A 273 9.74 -25.93 20.32
CA ARG A 273 9.13 -24.61 20.50
C ARG A 273 9.40 -23.92 21.86
N LEU A 274 9.38 -24.68 22.95
CA LEU A 274 9.67 -24.15 24.28
CA LEU A 274 9.64 -24.11 24.26
C LEU A 274 11.06 -23.52 24.30
N GLU A 275 12.05 -24.34 23.96
CA GLU A 275 13.44 -23.89 23.99
C GLU A 275 13.74 -22.80 22.97
N SER A 276 13.33 -23.02 21.72
CA SER A 276 13.62 -22.08 20.64
C SER A 276 12.94 -20.73 20.81
N THR A 277 11.66 -20.72 21.23
CA THR A 277 10.97 -19.45 21.38
C THR A 277 11.60 -18.67 22.53
N GLY A 278 12.02 -19.38 23.56
CA GLY A 278 12.71 -18.80 24.71
C GLY A 278 14.01 -18.15 24.29
N ARG A 279 14.84 -18.91 23.57
CA ARG A 279 16.06 -18.38 22.98
C ARG A 279 15.88 -17.16 22.05
N LEU A 280 14.89 -17.20 21.15
CA LEU A 280 14.64 -16.08 20.25
C LEU A 280 14.40 -14.84 21.08
N LEU A 281 13.51 -14.89 22.07
CA LEU A 281 13.26 -13.71 22.90
C LEU A 281 14.45 -13.30 23.74
N GLN A 282 15.21 -14.27 24.23
CA GLN A 282 16.32 -13.95 25.08
C GLN A 282 17.46 -13.31 24.30
N LEU A 283 17.86 -13.91 23.16
CA LEU A 283 18.88 -13.30 22.30
C LEU A 283 18.44 -11.95 21.74
N ALA A 284 17.15 -11.79 21.42
CA ALA A 284 16.61 -10.49 21.01
C ALA A 284 16.49 -9.49 22.15
N ASP A 285 16.52 -9.99 23.38
CA ASP A 285 16.47 -9.16 24.59
C ASP A 285 15.11 -8.46 24.72
N ILE A 286 14.05 -9.25 24.55
CA ILE A 286 12.67 -8.76 24.64
C ILE A 286 11.90 -9.50 25.76
N ASP A 287 11.10 -8.76 26.53
CA ASP A 287 10.23 -9.35 27.55
C ASP A 287 9.22 -10.23 26.81
N PRO A 288 9.25 -11.54 27.08
CA PRO A 288 8.33 -12.49 26.44
C PRO A 288 6.88 -12.23 26.78
N THR A 289 6.60 -11.37 27.75
CA THR A 289 5.22 -11.06 28.09
C THR A 289 4.69 -9.74 27.48
N LEU A 290 5.47 -9.07 26.65
CA LEU A 290 4.96 -7.90 25.94
C LEU A 290 3.82 -8.28 25.02
N ARG A 291 2.70 -7.56 25.03
CA ARG A 291 1.69 -7.79 23.99
C ARG A 291 2.23 -7.25 22.66
N PRO A 292 1.86 -7.86 21.53
CA PRO A 292 2.42 -7.52 20.22
C PRO A 292 2.40 -6.01 19.94
N THR A 293 1.40 -5.32 20.46
CA THR A 293 1.28 -3.93 20.12
C THR A 293 2.40 -3.09 20.68
N HIS A 294 3.13 -3.62 21.65
CA HIS A 294 4.23 -2.89 22.26
C HIS A 294 5.55 -3.23 21.61
N LEU A 295 5.51 -4.06 20.57
CA LEU A 295 6.73 -4.43 19.88
C LEU A 295 7.05 -3.32 18.90
N SER A 296 8.20 -2.69 19.10
CA SER A 296 8.61 -1.55 18.27
C SER A 296 9.46 -1.96 17.08
N LEU A 297 9.77 -1.01 16.20
CA LEU A 297 10.63 -1.32 15.06
C LEU A 297 11.98 -1.89 15.54
N MSE A 298 12.51 -1.40 16.64
CA MSE A 298 13.76 -1.94 17.11
C MSE A 298 13.61 -3.35 17.71
O MSE A 298 14.50 -4.18 17.57
CB MSE A 298 14.49 -0.98 18.06
CG MSE A 298 15.00 0.29 17.35
SE MSE A 298 16.38 0.03 15.98
CE MSE A 298 15.28 -0.05 14.35
N HIS A 299 12.50 -3.64 18.36
CA HIS A 299 12.28 -5.02 18.78
C HIS A 299 12.28 -5.92 17.56
N PHE A 300 11.50 -5.54 16.56
CA PHE A 300 11.47 -6.32 15.33
C PHE A 300 12.86 -6.44 14.64
N LYS A 301 13.64 -5.37 14.60
CA LYS A 301 15.02 -5.51 14.13
C LYS A 301 15.76 -6.62 14.89
N SER A 302 15.72 -6.57 16.23
CA SER A 302 16.32 -7.64 17.03
C SER A 302 15.77 -9.02 16.76
N LEU A 303 14.45 -9.14 16.79
CA LEU A 303 13.83 -10.41 16.47
C LEU A 303 14.28 -10.93 15.11
N CYS A 304 14.25 -10.08 14.08
CA CYS A 304 14.54 -10.56 12.73
C CYS A 304 16.00 -10.96 12.54
N ASP A 305 16.88 -10.22 13.20
CA ASP A 305 18.29 -10.53 13.12
C ASP A 305 18.56 -11.90 13.74
N VAL A 306 17.99 -12.14 14.93
CA VAL A 306 18.16 -13.42 15.62
C VAL A 306 17.55 -14.57 14.82
N TYR A 307 16.32 -14.39 14.40
CA TYR A 307 15.67 -15.39 13.54
C TYR A 307 16.49 -15.70 12.25
N ARG A 308 17.06 -14.66 11.64
N ARG A 308 17.05 -14.67 11.61
CA ARG A 308 17.90 -14.87 10.46
CA ARG A 308 17.88 -14.91 10.43
C ARG A 308 19.03 -15.87 10.73
C ARG A 308 19.00 -15.91 10.74
N LYS A 309 19.70 -15.69 11.86
CA LYS A 309 20.81 -16.56 12.23
C LYS A 309 20.25 -17.94 12.56
N MSE A 310 19.05 -18.01 13.13
CA MSE A 310 18.52 -19.36 13.44
C MSE A 310 18.20 -20.09 12.12
O MSE A 310 18.37 -21.31 11.99
CB MSE A 310 17.25 -19.21 14.29
CG MSE A 310 17.55 -18.77 15.69
SE MSE A 310 15.94 -18.60 16.72
CE MSE A 310 16.73 -18.65 18.45
N CYS A 311 17.75 -19.33 11.13
CA CYS A 311 17.41 -19.88 9.83
C CYS A 311 18.68 -20.35 9.10
N ASP A 312 19.74 -19.56 9.21
CA ASP A 312 20.99 -19.93 8.59
C ASP A 312 21.58 -21.17 9.24
N GLU A 313 21.37 -21.33 10.55
CA GLU A 313 21.95 -22.49 11.24
C GLU A 313 21.10 -23.73 10.92
N ASP A 314 19.81 -23.51 10.63
CA ASP A 314 18.85 -24.61 10.42
C ASP A 314 18.00 -24.39 9.18
N PRO A 315 18.43 -24.91 8.02
CA PRO A 315 17.65 -24.51 6.86
C PRO A 315 16.21 -25.09 6.79
N GLN A 316 15.80 -25.90 7.74
CA GLN A 316 14.39 -26.33 7.76
C GLN A 316 13.51 -25.24 8.34
N LEU A 317 14.10 -24.34 9.11
CA LEU A 317 13.28 -23.38 9.83
C LEU A 317 12.41 -22.48 8.96
N PHE A 318 12.94 -21.96 7.86
CA PHE A 318 12.25 -20.85 7.19
C PHE A 318 10.97 -21.24 6.53
N THR A 319 10.85 -22.49 6.12
CA THR A 319 9.64 -22.87 5.44
C THR A 319 8.80 -23.69 6.39
N TYR A 320 9.17 -23.69 7.66
CA TYR A 320 8.26 -24.28 8.65
C TYR A 320 6.89 -23.56 8.66
N ASN A 321 5.84 -24.33 8.51
CA ASN A 321 4.52 -23.76 8.69
C ASN A 321 3.70 -24.46 9.78
N PHE A 322 3.36 -23.72 10.83
CA PHE A 322 2.77 -24.34 12.02
C PHE A 322 1.41 -25.01 11.77
N ARG A 323 0.65 -24.54 10.77
CA ARG A 323 -0.65 -25.16 10.48
C ARG A 323 -0.50 -26.55 9.83
N GLU A 324 0.57 -26.74 9.08
CA GLU A 324 0.80 -28.02 8.41
C GLU A 324 1.14 -29.05 9.45
N GLU A 325 1.87 -28.60 10.47
CA GLU A 325 2.21 -29.47 11.59
C GLU A 325 0.94 -29.83 12.36
N LEU A 326 0.08 -28.84 12.57
CA LEU A 326 -1.20 -29.05 13.26
C LEU A 326 -2.06 -30.15 12.64
N LYS A 327 -1.95 -30.35 11.32
CA LYS A 327 -2.53 -31.53 10.66
C LYS A 327 -1.78 -32.79 11.08
N GLN A 328 -1.78 -33.06 12.40
CA GLN A 328 -1.22 -34.25 13.06
C GLN A 328 0.06 -34.81 12.42
C ACT B . -1.37 -14.68 27.76
O ACT B . -1.73 -15.80 28.23
OXT ACT B . -0.57 -14.72 26.78
CH3 ACT B . -1.84 -13.37 28.32
C ACT C . -8.28 0.61 -11.68
O ACT C . -7.38 0.54 -12.55
OXT ACT C . -9.20 1.46 -11.92
CH3 ACT C . -8.28 -0.24 -10.42
#